data_5CD9
#
_entry.id   5CD9
#
_cell.length_a   68.999
_cell.length_b   68.999
_cell.length_c   100.687
_cell.angle_alpha   90.000
_cell.angle_beta   90.000
_cell.angle_gamma   120.000
#
_symmetry.space_group_name_H-M   'P 31 2 1'
#
loop_
_entity.id
_entity.type
_entity.pdbx_description
1 polymer 'Maternal effect protein oskar'
2 non-polymer 'SULFATE ION'
3 water water
#
_entity_poly.entity_id   1
_entity_poly.type   'polypeptide(L)'
_entity_poly.pdbx_seq_one_letter_code
;GS(MSE)TPTPTILTSGTYNDSLLTINSDYDAYLLDFPL(MSE)GDDF(MSE)LYLAR(MSE)ELKCRFRRHERVLQSGL
CVSGLTINGARNRLKRVQLPEGTQIIVNIGSVDI(MSE)RGKPLVQIEHDFRLLIKE(MSE)HN(MSE)RLVPILTNLAP
LGNYCHDKVLCDKIYRFNKFIRSECCHLKVIDIHSCLINERGVVRFDCFQASPRQVTGSKEPYLFWNKIGRQRVLQVIET
SLEY
;
_entity_poly.pdbx_strand_id   A
#
loop_
_chem_comp.id
_chem_comp.type
_chem_comp.name
_chem_comp.formula
SO4 non-polymer 'SULFATE ION' 'O4 S -2'
#
# COMPACT_ATOMS: atom_id res chain seq x y z
N THR A 8 -17.71 -17.45 -0.20
CA THR A 8 -19.17 -17.54 -0.21
C THR A 8 -19.72 -17.71 1.20
N ILE A 9 -21.05 -17.86 1.31
CA ILE A 9 -21.67 -18.09 2.60
C ILE A 9 -21.21 -19.42 3.20
N LEU A 10 -21.18 -20.46 2.37
CA LEU A 10 -20.80 -21.81 2.80
C LEU A 10 -19.43 -21.86 3.49
N THR A 11 -18.45 -21.17 2.92
CA THR A 11 -17.09 -21.24 3.43
C THR A 11 -16.72 -20.10 4.38
N SER A 12 -17.69 -19.25 4.72
CA SER A 12 -17.43 -18.09 5.55
CA SER A 12 -17.43 -18.09 5.55
C SER A 12 -16.85 -18.48 6.92
N GLY A 13 -15.85 -17.73 7.36
CA GLY A 13 -15.24 -17.96 8.65
C GLY A 13 -14.22 -19.08 8.71
N THR A 14 -13.82 -19.62 7.55
CA THR A 14 -12.83 -20.70 7.54
C THR A 14 -11.38 -20.21 7.36
N TYR A 15 -11.22 -18.90 7.19
CA TYR A 15 -9.90 -18.28 7.07
C TYR A 15 -9.07 -18.49 8.34
N ASN A 16 -7.77 -18.24 8.25
CA ASN A 16 -6.87 -18.40 9.39
C ASN A 16 -7.16 -17.36 10.47
N ASP A 17 -7.53 -17.81 11.65
CA ASP A 17 -7.90 -16.91 12.75
C ASP A 17 -6.73 -16.03 13.21
N SER A 18 -5.51 -16.43 12.87
CA SER A 18 -4.33 -15.65 13.24
C SER A 18 -4.31 -14.30 12.51
N LEU A 19 -5.10 -14.20 11.45
CA LEU A 19 -5.18 -12.97 10.65
C LEU A 19 -6.04 -11.92 11.35
N LEU A 20 -6.88 -12.36 12.27
CA LEU A 20 -7.74 -11.47 13.03
C LEU A 20 -6.98 -10.48 13.91
N THR A 21 -5.77 -10.85 14.31
CA THR A 21 -4.99 -9.96 15.18
C THR A 21 -3.63 -9.67 14.58
N ILE A 22 -3.18 -8.44 14.76
CA ILE A 22 -1.83 -8.07 14.36
C ILE A 22 -1.12 -7.55 15.59
N ASN A 23 0.20 -7.47 15.50
CA ASN A 23 1.02 -7.18 16.67
C ASN A 23 2.34 -6.62 16.16
N SER A 24 2.75 -5.49 16.75
CA SER A 24 3.91 -4.76 16.25
C SER A 24 5.22 -5.52 16.47
N ASP A 25 5.21 -6.52 17.33
CA ASP A 25 6.38 -7.38 17.50
C ASP A 25 6.82 -8.04 16.20
N TYR A 26 5.85 -8.46 15.39
CA TYR A 26 6.17 -9.20 14.15
C TYR A 26 5.60 -8.56 12.90
N ASP A 27 4.46 -7.87 13.03
CA ASP A 27 3.77 -7.35 11.86
C ASP A 27 4.25 -5.97 11.44
N ALA A 28 3.98 -5.61 10.18
CA ALA A 28 4.45 -4.35 9.62
C ALA A 28 3.81 -3.16 10.33
N TYR A 29 4.65 -2.40 11.02
CA TYR A 29 4.24 -1.21 11.75
C TYR A 29 5.25 -0.10 11.50
N LEU A 30 4.79 1.13 11.53
CA LEU A 30 5.68 2.28 11.42
CA LEU A 30 5.70 2.26 11.47
C LEU A 30 5.34 3.26 12.55
N LEU A 31 6.26 3.44 13.49
CA LEU A 31 6.07 4.33 14.63
C LEU A 31 4.75 4.05 15.34
N ASP A 32 4.49 2.77 15.59
CA ASP A 32 3.28 2.30 16.26
C ASP A 32 2.00 2.42 15.43
N PHE A 33 2.12 2.85 14.18
CA PHE A 33 0.99 2.79 13.25
C PHE A 33 1.08 1.50 12.45
N PRO A 34 0.02 0.68 12.48
CA PRO A 34 -0.05 -0.47 11.57
C PRO A 34 0.11 0.04 10.13
N LEU A 35 0.80 -0.74 9.30
CA LEU A 35 0.93 -0.42 7.89
C LEU A 35 0.01 -1.29 7.06
N MSE A 36 -0.66 -0.70 6.07
CA MSE A 36 -1.44 -1.49 5.13
C MSE A 36 -1.02 -1.19 3.72
O MSE A 36 -1.01 -0.04 3.31
CB MSE A 36 -2.94 -1.22 5.31
CG MSE A 36 -3.79 -1.96 4.30
SE MSE A 36 -5.67 -2.14 4.85
CE MSE A 36 -6.27 -0.33 4.41
N GLY A 37 -0.66 -2.22 2.97
CA GLY A 37 -0.25 -2.04 1.59
C GLY A 37 0.06 -3.33 0.87
N ASP A 38 0.68 -3.20 -0.28
CA ASP A 38 1.04 -4.35 -1.10
C ASP A 38 2.54 -4.61 -0.97
N ASP A 39 3.13 -5.27 -1.97
CA ASP A 39 4.56 -5.61 -1.90
C ASP A 39 5.49 -4.42 -1.64
N PHE A 40 5.13 -3.23 -2.11
CA PHE A 40 6.00 -2.08 -1.91
C PHE A 40 6.17 -1.74 -0.41
N MSE A 41 5.07 -1.52 0.29
CA MSE A 41 5.12 -1.31 1.74
C MSE A 41 5.67 -2.55 2.48
O MSE A 41 6.42 -2.43 3.44
CB MSE A 41 3.74 -0.97 2.28
CG MSE A 41 3.35 0.47 2.13
SE MSE A 41 4.69 1.64 2.94
CE MSE A 41 5.06 2.75 1.40
N LEU A 42 5.28 -3.73 2.02
CA LEU A 42 5.78 -4.96 2.63
C LEU A 42 7.31 -4.97 2.60
N TYR A 43 7.88 -4.67 1.44
CA TYR A 43 9.33 -4.67 1.29
C TYR A 43 9.99 -3.59 2.13
N LEU A 44 9.41 -2.39 2.13
CA LEU A 44 9.91 -1.29 2.94
C LEU A 44 9.94 -1.70 4.41
N ALA A 45 8.87 -2.37 4.86
CA ALA A 45 8.78 -2.80 6.24
C ALA A 45 9.80 -3.90 6.56
N ARG A 46 10.02 -4.79 5.61
CA ARG A 46 10.97 -5.88 5.79
C ARG A 46 12.41 -5.36 5.91
N MSE A 47 12.76 -4.41 5.04
CA MSE A 47 14.13 -3.89 5.02
C MSE A 47 14.41 -2.84 6.10
O MSE A 47 15.51 -2.80 6.65
CB MSE A 47 14.44 -3.30 3.64
CG MSE A 47 14.31 -4.29 2.51
SE MSE A 47 15.50 -5.85 2.73
CE MSE A 47 17.22 -4.95 2.43
N GLU A 48 13.41 -2.02 6.41
CA GLU A 48 13.63 -0.85 7.26
C GLU A 48 12.98 -0.94 8.64
N LEU A 49 11.97 -1.79 8.78
CA LEU A 49 11.16 -1.80 9.99
C LEU A 49 11.12 -3.12 10.75
N LYS A 50 11.98 -4.06 10.35
CA LYS A 50 12.14 -5.34 11.05
C LYS A 50 10.88 -6.20 11.11
N CYS A 51 10.05 -6.17 10.07
CA CYS A 51 8.84 -6.97 10.12
C CYS A 51 9.17 -8.43 9.77
N ARG A 52 8.29 -9.33 10.16
CA ARG A 52 8.43 -10.74 9.85
C ARG A 52 7.26 -11.17 8.98
N PHE A 53 7.45 -12.17 8.15
CA PHE A 53 6.34 -12.68 7.33
C PHE A 53 5.51 -13.70 8.11
N ARG A 54 4.23 -13.81 7.77
CA ARG A 54 3.35 -14.79 8.40
C ARG A 54 3.72 -16.20 7.90
N ARG A 55 3.95 -17.12 8.83
CA ARG A 55 4.47 -18.45 8.51
C ARG A 55 3.51 -19.30 7.66
N HIS A 56 2.22 -19.15 7.90
CA HIS A 56 1.22 -20.10 7.41
C HIS A 56 0.50 -19.70 6.13
N GLU A 57 0.87 -18.56 5.56
CA GLU A 57 0.25 -18.07 4.33
C GLU A 57 1.21 -18.24 3.17
N ARG A 58 0.72 -18.74 2.04
CA ARG A 58 1.59 -18.92 0.88
CA ARG A 58 1.59 -18.92 0.88
C ARG A 58 1.89 -17.58 0.19
N VAL A 59 0.94 -16.65 0.27
CA VAL A 59 1.19 -15.32 -0.24
C VAL A 59 1.91 -14.54 0.85
N LEU A 60 3.00 -13.88 0.49
CA LEU A 60 3.80 -13.14 1.47
C LEU A 60 2.99 -12.02 2.11
N GLN A 61 3.10 -11.87 3.43
CA GLN A 61 2.40 -10.82 4.13
C GLN A 61 2.94 -10.62 5.53
N SER A 62 2.68 -9.45 6.08
CA SER A 62 3.06 -9.09 7.44
C SER A 62 2.04 -8.08 7.89
N GLY A 63 1.22 -8.46 8.86
CA GLY A 63 0.11 -7.63 9.27
C GLY A 63 -0.84 -7.33 8.12
N LEU A 64 -1.11 -6.06 7.88
CA LEU A 64 -2.03 -5.63 6.83
C LEU A 64 -1.32 -5.34 5.51
N CYS A 65 -0.01 -5.59 5.47
CA CYS A 65 0.73 -5.54 4.22
C CYS A 65 0.72 -6.91 3.58
N VAL A 66 0.16 -7.00 2.37
CA VAL A 66 -0.05 -8.28 1.71
C VAL A 66 0.33 -8.19 0.24
N SER A 67 1.14 -9.13 -0.22
CA SER A 67 1.51 -9.18 -1.64
C SER A 67 0.26 -9.31 -2.50
N GLY A 68 0.12 -8.43 -3.49
CA GLY A 68 -1.02 -8.49 -4.39
C GLY A 68 -2.30 -7.89 -3.84
N LEU A 69 -2.20 -7.17 -2.73
CA LEU A 69 -3.38 -6.55 -2.12
C LEU A 69 -3.95 -5.44 -2.99
N THR A 70 -5.17 -5.64 -3.45
CA THR A 70 -5.86 -4.60 -4.19
C THR A 70 -6.70 -3.79 -3.21
N ILE A 71 -7.34 -2.74 -3.71
CA ILE A 71 -8.23 -1.95 -2.87
C ILE A 71 -9.35 -2.84 -2.29
N ASN A 72 -9.94 -3.68 -3.13
CA ASN A 72 -10.95 -4.63 -2.64
C ASN A 72 -10.37 -5.66 -1.68
N GLY A 73 -9.15 -6.10 -1.97
CA GLY A 73 -8.44 -7.00 -1.06
C GLY A 73 -8.31 -6.36 0.30
N ALA A 74 -7.92 -5.09 0.31
CA ALA A 74 -7.82 -4.32 1.54
C ALA A 74 -9.17 -4.22 2.24
N ARG A 75 -10.22 -3.96 1.47
CA ARG A 75 -11.57 -3.91 2.04
C ARG A 75 -11.93 -5.23 2.72
N ASN A 76 -11.57 -6.34 2.08
CA ASN A 76 -11.84 -7.65 2.66
C ASN A 76 -10.95 -7.96 3.86
N ARG A 77 -9.67 -7.60 3.75
CA ARG A 77 -8.72 -7.83 4.82
C ARG A 77 -9.17 -7.18 6.14
N LEU A 78 -9.64 -5.94 6.06
CA LEU A 78 -10.06 -5.21 7.26
C LEU A 78 -11.28 -5.81 7.95
N LYS A 79 -12.13 -6.49 7.19
CA LYS A 79 -13.23 -7.22 7.78
C LYS A 79 -12.72 -8.44 8.53
N ARG A 80 -11.50 -8.88 8.21
CA ARG A 80 -10.91 -10.05 8.84
C ARG A 80 -9.83 -9.67 9.84
N VAL A 81 -9.94 -8.47 10.37
CA VAL A 81 -9.02 -7.99 11.40
C VAL A 81 -9.81 -7.29 12.50
N GLN A 82 -9.27 -7.30 13.72
CA GLN A 82 -9.92 -6.65 14.85
C GLN A 82 -8.94 -5.73 15.56
N LEU A 83 -9.21 -4.42 15.46
CA LEU A 83 -8.35 -3.41 16.05
C LEU A 83 -9.19 -2.49 16.94
N PRO A 84 -8.58 -1.90 17.97
CA PRO A 84 -9.32 -0.94 18.81
C PRO A 84 -9.87 0.23 18.01
N GLU A 85 -11.05 0.72 18.38
CA GLU A 85 -11.64 1.88 17.71
C GLU A 85 -10.68 3.07 17.75
N GLY A 86 -10.66 3.85 16.69
CA GLY A 86 -9.76 4.98 16.58
C GLY A 86 -8.34 4.65 16.16
N THR A 87 -8.07 3.36 15.91
CA THR A 87 -6.75 2.95 15.43
C THR A 87 -6.46 3.63 14.11
N GLN A 88 -5.29 4.24 13.99
CA GLN A 88 -4.91 4.90 12.76
C GLN A 88 -3.96 4.03 11.96
N ILE A 89 -4.25 3.88 10.68
CA ILE A 89 -3.51 2.97 9.81
C ILE A 89 -2.92 3.73 8.65
N ILE A 90 -1.63 3.54 8.41
CA ILE A 90 -0.98 4.16 7.27
C ILE A 90 -1.17 3.26 6.05
N VAL A 91 -1.79 3.83 5.01
CA VAL A 91 -2.25 3.05 3.88
C VAL A 91 -1.54 3.42 2.58
N ASN A 92 -1.01 2.41 1.89
CA ASN A 92 -0.54 2.62 0.53
C ASN A 92 -1.13 1.53 -0.36
N ILE A 93 -2.17 1.90 -1.08
CA ILE A 93 -2.95 0.90 -1.78
C ILE A 93 -3.38 1.42 -3.15
N GLY A 94 -3.37 0.54 -4.14
CA GLY A 94 -3.80 0.92 -5.48
C GLY A 94 -2.85 0.53 -6.59
N SER A 95 -1.57 0.33 -6.27
CA SER A 95 -0.58 -0.06 -7.27
C SER A 95 -0.94 -1.37 -7.95
N VAL A 96 -1.45 -2.32 -7.18
CA VAL A 96 -1.82 -3.61 -7.74
C VAL A 96 -2.97 -3.46 -8.72
N ASP A 97 -3.96 -2.66 -8.34
CA ASP A 97 -5.10 -2.36 -9.20
C ASP A 97 -4.66 -1.76 -10.52
N ILE A 98 -3.69 -0.84 -10.46
CA ILE A 98 -3.19 -0.20 -11.67
C ILE A 98 -2.36 -1.16 -12.51
N MSE A 99 -1.50 -1.94 -11.87
CA MSE A 99 -0.71 -2.95 -12.58
C MSE A 99 -1.57 -4.02 -13.24
O MSE A 99 -1.21 -4.53 -14.30
CB MSE A 99 0.31 -3.60 -11.64
CG MSE A 99 1.33 -2.62 -11.15
SE MSE A 99 2.32 -3.27 -9.59
CE MSE A 99 3.85 -3.96 -10.57
N ARG A 100 -2.69 -4.37 -12.62
CA ARG A 100 -3.60 -5.36 -13.19
C ARG A 100 -4.48 -4.75 -14.28
N GLY A 101 -4.27 -3.46 -14.54
CA GLY A 101 -5.02 -2.77 -15.58
C GLY A 101 -6.50 -2.56 -15.30
N LYS A 102 -6.89 -2.47 -14.04
CA LYS A 102 -8.28 -2.15 -13.73
C LYS A 102 -8.61 -0.74 -14.19
N PRO A 103 -9.85 -0.54 -14.66
CA PRO A 103 -10.29 0.78 -15.13
C PRO A 103 -10.21 1.79 -13.99
N LEU A 104 -9.70 2.98 -14.29
CA LEU A 104 -9.54 4.05 -13.30
C LEU A 104 -10.83 4.35 -12.53
N VAL A 105 -11.95 4.40 -13.24
CA VAL A 105 -13.23 4.70 -12.60
C VAL A 105 -13.58 3.65 -11.54
N GLN A 106 -13.20 2.41 -11.80
CA GLN A 106 -13.45 1.32 -10.87
C GLN A 106 -12.51 1.44 -9.67
N ILE A 107 -11.28 1.82 -9.94
CA ILE A 107 -10.29 2.01 -8.90
C ILE A 107 -10.75 3.10 -7.91
N GLU A 108 -11.22 4.21 -8.45
CA GLU A 108 -11.75 5.30 -7.61
C GLU A 108 -13.02 4.88 -6.87
N HIS A 109 -13.90 4.16 -7.54
CA HIS A 109 -15.10 3.62 -6.92
C HIS A 109 -14.76 2.73 -5.71
N ASP A 110 -13.82 1.81 -5.89
CA ASP A 110 -13.39 0.91 -4.82
C ASP A 110 -12.76 1.67 -3.66
N PHE A 111 -11.89 2.63 -4.00
CA PHE A 111 -11.18 3.41 -2.99
C PHE A 111 -12.16 4.24 -2.14
N ARG A 112 -13.17 4.79 -2.80
CA ARG A 112 -14.20 5.56 -2.11
C ARG A 112 -14.92 4.64 -1.11
N LEU A 113 -15.16 3.40 -1.52
CA LEU A 113 -15.79 2.42 -0.62
C LEU A 113 -14.88 1.99 0.54
N LEU A 114 -13.59 1.83 0.27
CA LEU A 114 -12.62 1.53 1.33
C LEU A 114 -12.64 2.61 2.41
N ILE A 115 -12.52 3.87 1.99
CA ILE A 115 -12.57 4.99 2.93
C ILE A 115 -13.87 4.98 3.75
N LYS A 116 -15.00 4.82 3.08
CA LYS A 116 -16.28 4.76 3.77
C LYS A 116 -16.38 3.60 4.75
N GLU A 117 -15.89 2.44 4.34
CA GLU A 117 -15.92 1.26 5.19
C GLU A 117 -14.98 1.40 6.39
N MSE A 118 -13.82 2.02 6.22
CA MSE A 118 -12.94 2.25 7.36
C MSE A 118 -13.62 3.19 8.37
O MSE A 118 -13.49 3.03 9.59
CB MSE A 118 -11.59 2.80 6.92
CG MSE A 118 -10.75 1.77 6.16
SE MSE A 118 -9.04 2.44 5.54
CE MSE A 118 -8.10 2.61 7.26
N HIS A 119 -14.36 4.16 7.86
CA HIS A 119 -15.10 5.06 8.72
C HIS A 119 -16.11 4.27 9.55
N ASN A 120 -16.88 3.42 8.89
CA ASN A 120 -17.84 2.53 9.55
C ASN A 120 -17.21 1.67 10.63
N MSE A 121 -15.95 1.31 10.42
CA MSE A 121 -15.24 0.46 11.37
C MSE A 121 -14.48 1.26 12.40
O MSE A 121 -13.77 0.69 13.23
CB MSE A 121 -14.27 -0.46 10.62
CG MSE A 121 -14.96 -1.47 9.73
SE MSE A 121 -13.67 -2.62 8.82
CE MSE A 121 -13.01 -1.36 7.50
N ARG A 122 -14.63 2.58 12.33
CA ARG A 122 -13.92 3.50 13.24
C ARG A 122 -12.40 3.32 13.12
N LEU A 123 -11.93 3.14 11.89
CA LEU A 123 -10.50 3.07 11.62
C LEU A 123 -10.10 4.29 10.82
N VAL A 124 -9.05 4.97 11.27
CA VAL A 124 -8.64 6.22 10.65
C VAL A 124 -7.52 6.01 9.64
N PRO A 125 -7.82 6.20 8.35
CA PRO A 125 -6.75 6.08 7.36
C PRO A 125 -5.83 7.29 7.36
N ILE A 126 -4.53 7.04 7.35
CA ILE A 126 -3.53 8.03 6.98
C ILE A 126 -3.06 7.61 5.60
N LEU A 127 -3.36 8.41 4.58
CA LEU A 127 -3.12 8.00 3.21
C LEU A 127 -1.75 8.42 2.69
N THR A 128 -1.09 7.51 1.97
CA THR A 128 0.04 7.89 1.13
C THR A 128 -0.43 7.72 -0.31
N ASN A 129 0.03 8.57 -1.21
CA ASN A 129 -0.31 8.38 -2.62
C ASN A 129 0.63 7.34 -3.21
N LEU A 130 0.49 7.06 -4.50
CA LEU A 130 1.27 5.96 -5.11
C LEU A 130 2.61 6.42 -5.65
N ALA A 131 3.68 5.73 -5.27
CA ALA A 131 4.99 5.95 -5.89
C ALA A 131 4.89 5.69 -7.38
N PRO A 132 5.80 6.26 -8.19
CA PRO A 132 5.75 5.89 -9.60
C PRO A 132 6.22 4.44 -9.76
N LEU A 133 5.70 3.73 -10.76
CA LEU A 133 6.14 2.36 -11.01
C LEU A 133 7.33 2.41 -11.98
N GLY A 134 8.54 2.20 -11.45
CA GLY A 134 9.76 2.45 -12.18
C GLY A 134 9.96 1.71 -13.49
N ASN A 135 9.44 0.48 -13.56
CA ASN A 135 9.59 -0.32 -14.76
C ASN A 135 8.47 -0.09 -15.79
N TYR A 136 7.52 0.78 -15.46
CA TYR A 136 6.41 1.08 -16.37
C TYR A 136 6.44 2.50 -16.93
N CYS A 137 7.61 3.13 -16.90
CA CYS A 137 7.77 4.51 -17.32
CA CYS A 137 7.76 4.51 -17.34
C CYS A 137 7.38 4.77 -18.78
N HIS A 138 7.58 3.77 -19.65
CA HIS A 138 7.25 3.93 -21.05
C HIS A 138 5.75 3.78 -21.33
N ASP A 139 5.00 3.34 -20.32
CA ASP A 139 3.56 3.18 -20.48
C ASP A 139 2.90 4.47 -20.01
N LYS A 140 2.65 5.38 -20.96
CA LYS A 140 2.09 6.69 -20.64
C LYS A 140 0.67 6.59 -20.09
N VAL A 141 -0.07 5.58 -20.54
CA VAL A 141 -1.43 5.40 -20.04
C VAL A 141 -1.42 5.05 -18.56
N LEU A 142 -0.59 4.07 -18.20
CA LEU A 142 -0.46 3.69 -16.80
C LEU A 142 0.03 4.88 -15.96
N CYS A 143 0.99 5.62 -16.49
CA CYS A 143 1.53 6.77 -15.77
C CYS A 143 0.46 7.85 -15.60
N ASP A 144 -0.41 7.98 -16.59
CA ASP A 144 -1.51 8.92 -16.48
C ASP A 144 -2.53 8.47 -15.45
N LYS A 145 -2.70 7.16 -15.30
CA LYS A 145 -3.59 6.59 -14.29
C LYS A 145 -3.08 6.87 -12.89
N ILE A 146 -1.77 6.77 -12.70
CA ILE A 146 -1.15 7.04 -11.41
C ILE A 146 -1.35 8.51 -11.05
N TYR A 147 -1.13 9.37 -12.03
CA TYR A 147 -1.31 10.81 -11.88
C TYR A 147 -2.76 11.15 -11.47
N ARG A 148 -3.73 10.60 -12.19
CA ARG A 148 -5.13 10.88 -11.90
C ARG A 148 -5.61 10.24 -10.59
N PHE A 149 -5.13 9.04 -10.31
CA PHE A 149 -5.50 8.40 -9.05
C PHE A 149 -4.92 9.17 -7.86
N ASN A 150 -3.68 9.66 -7.99
CA ASN A 150 -3.08 10.42 -6.91
C ASN A 150 -3.83 11.73 -6.68
N LYS A 151 -4.28 12.36 -7.77
CA LYS A 151 -5.08 13.58 -7.69
C LYS A 151 -6.41 13.28 -7.02
N PHE A 152 -6.99 12.13 -7.36
CA PHE A 152 -8.23 11.69 -6.75
C PHE A 152 -8.08 11.46 -5.24
N ILE A 153 -6.95 10.90 -4.82
CA ILE A 153 -6.73 10.67 -3.40
C ILE A 153 -6.72 11.99 -2.65
N ARG A 154 -6.06 12.97 -3.25
CA ARG A 154 -5.86 14.27 -2.62
C ARG A 154 -7.18 15.02 -2.44
N SER A 155 -8.11 14.82 -3.38
CA SER A 155 -9.41 15.48 -3.34
CA SER A 155 -9.41 15.48 -3.34
C SER A 155 -10.42 14.70 -2.51
N GLU A 156 -10.53 13.40 -2.79
CA GLU A 156 -11.45 12.52 -2.07
C GLU A 156 -11.15 12.47 -0.57
N CYS A 157 -9.88 12.58 -0.22
CA CYS A 157 -9.47 12.46 1.18
C CYS A 157 -9.04 13.80 1.74
N CYS A 158 -9.77 14.84 1.34
CA CYS A 158 -9.43 16.20 1.75
CA CYS A 158 -9.51 16.22 1.74
C CYS A 158 -9.54 16.42 3.26
N HIS A 159 -10.30 15.57 3.95
CA HIS A 159 -10.44 15.68 5.40
C HIS A 159 -9.47 14.79 6.17
N LEU A 160 -8.69 14.01 5.43
CA LEU A 160 -7.75 13.08 6.03
C LEU A 160 -6.30 13.47 5.71
N LYS A 161 -5.36 12.97 6.49
CA LYS A 161 -3.96 13.20 6.22
C LYS A 161 -3.57 12.47 4.93
N VAL A 162 -3.02 13.22 3.98
CA VAL A 162 -2.55 12.66 2.74
C VAL A 162 -1.06 12.96 2.56
N ILE A 163 -0.28 11.90 2.38
CA ILE A 163 1.16 12.04 2.29
C ILE A 163 1.62 11.79 0.87
N ASP A 164 2.24 12.80 0.28
CA ASP A 164 2.74 12.69 -1.07
C ASP A 164 4.12 12.02 -1.09
N ILE A 165 4.16 10.73 -1.40
CA ILE A 165 5.44 10.03 -1.51
C ILE A 165 5.89 9.97 -2.96
N HIS A 166 4.97 10.23 -3.88
CA HIS A 166 5.26 10.19 -5.30
C HIS A 166 6.36 11.19 -5.67
N SER A 167 6.31 12.37 -5.07
CA SER A 167 7.21 13.46 -5.44
C SER A 167 8.69 13.20 -5.17
N CYS A 168 9.00 12.48 -4.10
CA CYS A 168 10.40 12.24 -3.76
C CYS A 168 11.07 11.24 -4.72
N LEU A 169 10.29 10.58 -5.58
CA LEU A 169 10.88 9.62 -6.52
C LEU A 169 10.90 10.14 -7.96
N ILE A 170 10.63 11.44 -8.12
CA ILE A 170 10.65 12.11 -9.41
C ILE A 170 11.66 13.26 -9.35
N ASN A 171 12.45 13.45 -10.40
CA ASN A 171 13.45 14.53 -10.40
C ASN A 171 12.85 15.87 -10.82
N GLU A 172 13.66 16.92 -10.75
CA GLU A 172 13.21 18.27 -11.09
C GLU A 172 12.70 18.35 -12.54
N ARG A 173 13.27 17.49 -13.40
CA ARG A 173 12.85 17.43 -14.79
C ARG A 173 11.57 16.63 -14.98
N GLY A 174 11.05 16.06 -13.90
CA GLY A 174 9.82 15.30 -13.96
C GLY A 174 10.02 13.83 -14.32
N VAL A 175 11.27 13.40 -14.35
CA VAL A 175 11.60 12.01 -14.69
C VAL A 175 11.76 11.17 -13.42
N VAL A 176 11.37 9.90 -13.49
CA VAL A 176 11.56 9.01 -12.34
C VAL A 176 13.03 8.92 -11.98
N ARG A 177 13.32 8.95 -10.69
CA ARG A 177 14.69 8.80 -10.20
C ARG A 177 15.09 7.34 -10.21
N PHE A 178 15.68 6.89 -11.30
CA PHE A 178 16.07 5.49 -11.43
C PHE A 178 17.14 5.07 -10.44
N ASP A 179 17.86 6.04 -9.90
CA ASP A 179 18.86 5.75 -8.87
C ASP A 179 18.21 5.43 -7.51
N CYS A 180 16.88 5.53 -7.44
CA CYS A 180 16.15 5.16 -6.23
C CYS A 180 15.49 3.80 -6.36
N PHE A 181 15.64 3.18 -7.53
CA PHE A 181 15.07 1.88 -7.80
C PHE A 181 16.15 0.85 -8.04
N GLN A 182 15.83 -0.42 -7.79
CA GLN A 182 16.74 -1.53 -8.11
C GLN A 182 16.93 -1.63 -9.62
N ALA A 183 17.91 -2.43 -10.05
CA ALA A 183 18.23 -2.54 -11.47
C ALA A 183 17.31 -3.50 -12.23
N SER A 184 16.86 -4.56 -11.56
CA SER A 184 16.04 -5.58 -12.22
C SER A 184 14.73 -5.81 -11.50
N PRO A 185 13.68 -6.14 -12.26
CA PRO A 185 12.37 -6.49 -11.69
C PRO A 185 12.41 -7.82 -10.94
N ARG A 186 11.41 -8.04 -10.10
CA ARG A 186 11.29 -9.24 -9.30
C ARG A 186 9.91 -9.86 -9.46
N GLN A 187 9.86 -11.17 -9.32
CA GLN A 187 8.62 -11.90 -9.19
C GLN A 187 8.11 -11.73 -7.76
N VAL A 188 6.79 -11.57 -7.60
CA VAL A 188 6.19 -11.58 -6.26
C VAL A 188 5.17 -12.71 -6.15
N THR A 189 4.73 -13.02 -4.94
CA THR A 189 3.83 -14.15 -4.70
C THR A 189 2.36 -13.89 -5.02
N GLY A 190 1.93 -12.64 -4.87
CA GLY A 190 0.51 -12.33 -4.96
C GLY A 190 0.02 -11.84 -6.30
N SER A 191 0.92 -11.62 -7.25
CA SER A 191 0.52 -11.16 -8.58
CA SER A 191 0.51 -11.19 -8.59
C SER A 191 1.55 -11.56 -9.64
N LYS A 192 1.14 -11.57 -10.90
CA LYS A 192 2.04 -12.01 -11.97
C LYS A 192 2.87 -10.91 -12.59
N GLU A 193 2.52 -9.66 -12.34
CA GLU A 193 3.24 -8.53 -12.93
C GLU A 193 4.59 -8.35 -12.25
N PRO A 194 5.61 -7.94 -13.02
CA PRO A 194 6.95 -7.66 -12.48
C PRO A 194 7.02 -6.38 -11.64
N TYR A 195 7.70 -6.47 -10.51
CA TYR A 195 7.86 -5.32 -9.62
C TYR A 195 9.28 -4.80 -9.67
N LEU A 196 9.42 -3.48 -9.76
CA LEU A 196 10.72 -2.85 -9.61
C LEU A 196 10.75 -2.18 -8.24
N PHE A 197 11.44 -2.81 -7.31
CA PHE A 197 11.46 -2.31 -5.94
C PHE A 197 12.35 -1.10 -5.71
N TRP A 198 11.99 -0.31 -4.70
CA TRP A 198 12.81 0.83 -4.31
C TRP A 198 14.11 0.29 -3.71
N ASN A 199 15.24 0.86 -4.11
CA ASN A 199 16.51 0.43 -3.52
C ASN A 199 16.70 1.09 -2.17
N LYS A 200 17.89 0.95 -1.60
CA LYS A 200 18.15 1.51 -0.27
CA LYS A 200 18.17 1.51 -0.28
C LYS A 200 17.88 3.01 -0.23
N ILE A 201 18.29 3.72 -1.27
CA ILE A 201 18.07 5.17 -1.33
C ILE A 201 16.58 5.49 -1.48
N GLY A 202 15.89 4.74 -2.35
CA GLY A 202 14.46 4.90 -2.51
C GLY A 202 13.71 4.68 -1.21
N ARG A 203 14.05 3.60 -0.51
CA ARG A 203 13.35 3.25 0.72
C ARG A 203 13.54 4.32 1.78
N GLN A 204 14.77 4.82 1.90
CA GLN A 204 15.08 5.87 2.86
C GLN A 204 14.32 7.15 2.55
N ARG A 205 14.29 7.56 1.28
CA ARG A 205 13.55 8.74 0.88
C ARG A 205 12.07 8.64 1.24
N VAL A 206 11.45 7.53 0.85
CA VAL A 206 10.03 7.32 1.11
C VAL A 206 9.73 7.29 2.60
N LEU A 207 10.53 6.53 3.34
CA LEU A 207 10.37 6.44 4.78
C LEU A 207 10.49 7.81 5.45
N GLN A 208 11.40 8.64 4.95
CA GLN A 208 11.62 9.98 5.49
C GLN A 208 10.40 10.87 5.26
N VAL A 209 9.87 10.83 4.04
CA VAL A 209 8.70 11.63 3.71
C VAL A 209 7.57 11.26 4.66
N ILE A 210 7.35 9.96 4.84
CA ILE A 210 6.27 9.51 5.70
C ILE A 210 6.44 9.98 7.14
N GLU A 211 7.62 9.72 7.69
CA GLU A 211 7.91 10.08 9.08
C GLU A 211 7.80 11.58 9.35
N THR A 212 8.45 12.40 8.52
CA THR A 212 8.45 13.83 8.72
C THR A 212 7.05 14.43 8.58
N SER A 213 6.20 13.80 7.78
CA SER A 213 4.81 14.24 7.60
C SER A 213 3.93 13.91 8.81
N LEU A 214 4.45 13.13 9.75
CA LEU A 214 3.66 12.69 10.89
C LEU A 214 4.32 13.04 12.21
N GLU A 215 5.39 13.83 12.14
CA GLU A 215 6.19 14.10 13.33
C GLU A 215 5.41 14.83 14.41
N TYR A 216 4.65 15.85 14.00
CA TYR A 216 3.96 16.68 14.97
C TYR A 216 2.45 16.48 14.93
S SO4 B . 10.57 -14.62 8.36
O1 SO4 B . 11.91 -14.32 7.86
O2 SO4 B . 9.85 -13.38 8.67
O3 SO4 B . 10.67 -15.41 9.59
O4 SO4 B . 9.83 -15.36 7.34
S SO4 C . 0.10 -16.96 10.75
O1 SO4 C . -0.84 -16.00 10.19
O2 SO4 C . 0.82 -16.34 11.85
O3 SO4 C . -0.61 -18.13 11.25
O4 SO4 C . 1.06 -17.36 9.72
S SO4 D . 19.22 -5.27 -8.17
O1 SO4 D . 18.99 -5.70 -6.79
O2 SO4 D . 19.52 -3.84 -8.18
O3 SO4 D . 18.03 -5.54 -8.98
O4 SO4 D . 20.35 -6.00 -8.73
S SO4 E . 19.23 -2.42 -2.26
O1 SO4 E . 17.86 -2.43 -2.77
O2 SO4 E . 19.82 -1.10 -2.38
O3 SO4 E . 19.20 -2.83 -0.87
O4 SO4 E . 20.03 -3.36 -3.04
S SO4 F . -18.79 -3.25 -4.44
O1 SO4 F . -19.54 -2.32 -5.27
O2 SO4 F . -19.07 -2.98 -3.03
O3 SO4 F . -19.18 -4.63 -4.74
O4 SO4 F . -17.37 -3.08 -4.71
S SO4 G . 16.23 16.21 -2.98
O1 SO4 G . 16.46 16.57 -1.59
O2 SO4 G . 16.64 17.32 -3.85
O3 SO4 G . 14.81 15.95 -3.18
O4 SO4 G . 17.01 15.03 -3.32
S SO4 H . 17.34 16.76 -9.25
O1 SO4 H . 16.71 16.72 -7.93
O2 SO4 H . 18.22 17.92 -9.32
O3 SO4 H . 16.33 16.87 -10.29
O4 SO4 H . 18.13 15.55 -9.45
#